data_1OBP
#
_entry.id   1OBP
#
_cell.length_a   55.900
_cell.length_b   65.500
_cell.length_c   42.700
_cell.angle_alpha   90.00
_cell.angle_beta   98.80
_cell.angle_gamma   90.00
#
_symmetry.space_group_name_H-M   'P 1 21 1'
#
loop_
_entity.id
_entity.type
_entity.pdbx_description
1 polymer 'ODORANT-BINDING PROTEIN'
2 non-polymer 'UNKNOWN ATOM OR ION'
3 water water
#
_entity_poly.entity_id   1
_entity_poly.type   'polypeptide(L)'
_entity_poly.pdbx_seq_one_letter_code
;AQEEEAEQNLSELSGPWRTVYIGSTNPEKIQENGPFRTYFRELVFDDEKGTVDFYFSVKRDGKWKNVHVKATKQDDGTYV
ADYEGQNVFKIVSLSRTHLVAHNINVDKHGQTTELTGLFVKLNVEDEDLEKFWKLTEDKGIDKKNVVNFLENEDHPHPE
;
_entity_poly.pdbx_strand_id   A,B
#
loop_
_chem_comp.id
_chem_comp.type
_chem_comp.name
_chem_comp.formula
UNX non-polymer 'UNKNOWN ATOM OR ION' ?
#
# COMPACT_ATOMS: atom_id res chain seq x y z
N GLN A 2 9.13 -4.83 -38.56
CA GLN A 2 8.76 -3.39 -38.58
C GLN A 2 7.39 -3.12 -37.99
N GLU A 3 7.33 -3.04 -36.67
CA GLU A 3 6.07 -2.73 -36.02
C GLU A 3 5.94 -1.21 -36.08
N GLU A 4 4.77 -0.70 -35.75
CA GLU A 4 4.54 0.74 -35.80
C GLU A 4 4.70 1.35 -34.41
N GLU A 5 4.71 2.68 -34.35
CA GLU A 5 4.87 3.46 -33.13
C GLU A 5 3.76 3.31 -32.07
N ALA A 6 4.17 3.25 -30.81
CA ALA A 6 3.22 3.10 -29.72
C ALA A 6 2.81 4.43 -29.09
N GLU A 7 1.51 4.74 -29.14
CA GLU A 7 0.98 5.96 -28.53
C GLU A 7 1.03 5.67 -27.03
N GLN A 8 1.95 6.33 -26.32
CA GLN A 8 2.13 6.08 -24.90
C GLN A 8 1.80 7.20 -23.92
N ASN A 9 0.68 7.03 -23.22
CA ASN A 9 0.23 7.98 -22.21
C ASN A 9 0.12 7.28 -20.88
N LEU A 10 1.24 7.21 -20.18
CA LEU A 10 1.35 6.56 -18.88
C LEU A 10 1.44 7.57 -17.73
N SER A 11 1.33 8.85 -18.06
CA SER A 11 1.45 9.88 -17.07
C SER A 11 0.48 9.75 -15.91
N GLU A 12 -0.77 9.42 -16.20
CA GLU A 12 -1.73 9.35 -15.11
C GLU A 12 -1.67 8.12 -14.19
N LEU A 13 -0.70 7.23 -14.45
CA LEU A 13 -0.49 6.06 -13.61
C LEU A 13 0.46 6.37 -12.46
N SER A 14 1.08 7.55 -12.49
CA SER A 14 2.01 7.97 -11.43
C SER A 14 1.29 8.00 -10.06
N GLY A 15 2.04 7.79 -8.99
CA GLY A 15 1.41 7.80 -7.69
C GLY A 15 1.99 6.72 -6.80
N PRO A 16 1.39 6.44 -5.62
CA PRO A 16 1.89 5.39 -4.72
C PRO A 16 1.55 3.99 -5.26
N TRP A 17 2.53 3.10 -5.27
CA TRP A 17 2.37 1.73 -5.75
C TRP A 17 3.04 0.86 -4.71
N ARG A 18 2.65 -0.40 -4.63
CA ARG A 18 3.26 -1.31 -3.65
C ARG A 18 3.62 -2.63 -4.32
N THR A 19 4.62 -3.30 -3.77
CA THR A 19 5.04 -4.62 -4.27
C THR A 19 4.10 -5.71 -3.71
N VAL A 20 3.66 -6.62 -4.58
CA VAL A 20 2.80 -7.75 -4.18
C VAL A 20 3.70 -9.01 -4.17
N TYR A 21 4.33 -9.32 -5.31
CA TYR A 21 5.20 -10.49 -5.42
C TYR A 21 6.40 -10.14 -6.27
N ILE A 22 7.50 -10.83 -6.02
CA ILE A 22 8.71 -10.72 -6.83
C ILE A 22 9.31 -12.14 -6.87
N GLY A 23 9.53 -12.63 -8.08
CA GLY A 23 10.15 -13.94 -8.29
C GLY A 23 11.57 -13.79 -8.86
N SER A 24 12.44 -14.78 -8.66
CA SER A 24 13.81 -14.68 -9.17
C SER A 24 14.42 -16.03 -9.56
N THR A 25 15.24 -16.02 -10.63
CA THR A 25 15.94 -17.23 -11.09
C THR A 25 17.06 -17.53 -10.09
N ASN A 26 17.53 -16.51 -9.40
CA ASN A 26 18.56 -16.65 -8.37
C ASN A 26 17.95 -16.14 -7.06
N PRO A 27 17.59 -17.07 -6.15
CA PRO A 27 16.99 -16.78 -4.85
C PRO A 27 17.76 -15.86 -3.94
N GLU A 28 19.08 -15.85 -4.06
CA GLU A 28 19.92 -15.00 -3.20
C GLU A 28 19.66 -13.50 -3.42
N LYS A 29 19.14 -13.16 -4.59
CA LYS A 29 18.88 -11.75 -4.92
C LYS A 29 17.67 -11.20 -4.17
N ILE A 30 16.71 -12.07 -3.83
CA ILE A 30 15.51 -11.61 -3.13
C ILE A 30 15.35 -12.07 -1.68
N GLN A 31 16.33 -12.82 -1.18
CA GLN A 31 16.28 -13.29 0.21
C GLN A 31 16.61 -12.09 1.10
N GLU A 32 16.47 -12.28 2.41
CA GLU A 32 16.78 -11.22 3.36
C GLU A 32 18.20 -10.71 3.11
N ASN A 33 18.33 -9.39 2.95
CA ASN A 33 19.57 -8.68 2.66
C ASN A 33 19.90 -8.66 1.17
N GLY A 34 19.00 -9.22 0.36
CA GLY A 34 19.20 -9.24 -1.07
C GLY A 34 18.88 -7.89 -1.69
N PRO A 35 19.65 -7.45 -2.70
CA PRO A 35 19.41 -6.15 -3.33
C PRO A 35 18.06 -5.99 -4.03
N PHE A 36 17.40 -7.10 -4.38
CA PHE A 36 16.11 -7.02 -5.04
C PHE A 36 14.85 -7.28 -4.20
N ARG A 37 15.01 -7.31 -2.87
CA ARG A 37 13.88 -7.47 -1.95
C ARG A 37 13.39 -5.99 -1.76
N THR A 38 12.73 -5.46 -2.79
CA THR A 38 12.32 -4.05 -2.84
C THR A 38 10.86 -3.75 -2.56
N TYR A 39 10.63 -2.93 -1.55
CA TYR A 39 9.28 -2.49 -1.17
C TYR A 39 9.02 -1.15 -1.87
N PHE A 40 8.24 -1.19 -2.95
CA PHE A 40 7.91 0.01 -3.71
C PHE A 40 7.11 1.00 -2.87
N ARG A 41 7.30 2.29 -3.16
CA ARG A 41 6.56 3.37 -2.47
C ARG A 41 5.84 4.24 -3.50
N GLU A 42 6.52 4.58 -4.59
CA GLU A 42 5.93 5.48 -5.58
C GLU A 42 6.52 5.30 -6.99
N LEU A 43 5.73 5.54 -8.02
CA LEU A 43 6.21 5.48 -9.41
C LEU A 43 5.72 6.75 -10.10
N VAL A 44 6.61 7.40 -10.84
CA VAL A 44 6.31 8.61 -11.60
C VAL A 44 6.74 8.36 -13.06
N PHE A 45 5.77 8.39 -13.97
CA PHE A 45 6.00 8.16 -15.38
C PHE A 45 5.99 9.51 -16.10
N ASP A 46 7.02 9.78 -16.88
CA ASP A 46 7.09 11.03 -17.64
C ASP A 46 7.05 10.74 -19.14
N ASP A 47 5.88 10.89 -19.75
CA ASP A 47 5.68 10.64 -21.19
C ASP A 47 6.52 11.48 -22.15
N GLU A 48 6.85 12.72 -21.78
CA GLU A 48 7.66 13.56 -22.66
C GLU A 48 9.15 13.22 -22.69
N LYS A 49 9.70 12.80 -21.55
CA LYS A 49 11.10 12.43 -21.48
C LYS A 49 11.26 10.95 -21.64
N GLY A 50 10.15 10.21 -21.66
CA GLY A 50 10.22 8.76 -21.78
C GLY A 50 10.97 8.12 -20.61
N THR A 51 10.64 8.52 -19.38
CA THR A 51 11.29 7.97 -18.19
C THR A 51 10.30 7.46 -17.12
N VAL A 52 10.83 6.70 -16.17
CA VAL A 52 10.07 6.17 -15.04
C VAL A 52 11.00 6.30 -13.85
N ASP A 53 10.54 6.95 -12.78
CA ASP A 53 11.35 7.08 -11.56
C ASP A 53 10.75 6.12 -10.56
N PHE A 54 11.60 5.33 -9.91
CA PHE A 54 11.22 4.33 -8.90
C PHE A 54 11.66 4.83 -7.56
N TYR A 55 10.78 4.77 -6.57
CA TYR A 55 11.14 5.15 -5.20
C TYR A 55 10.78 3.92 -4.41
N PHE A 56 11.74 3.39 -3.67
CA PHE A 56 11.47 2.17 -2.94
C PHE A 56 12.42 2.04 -1.79
N SER A 57 12.15 1.09 -0.90
CA SER A 57 13.02 0.86 0.25
C SER A 57 13.57 -0.57 0.27
N VAL A 58 14.81 -0.70 0.77
CA VAL A 58 15.51 -1.99 0.92
C VAL A 58 16.33 -1.95 2.18
N LYS A 59 16.47 -3.10 2.82
CA LYS A 59 17.25 -3.24 4.03
C LYS A 59 18.58 -3.90 3.61
N ARG A 60 19.69 -3.20 3.82
CA ARG A 60 21.02 -3.71 3.47
C ARG A 60 21.85 -3.77 4.75
N ASP A 61 22.15 -5.00 5.16
CA ASP A 61 22.87 -5.32 6.40
C ASP A 61 22.36 -4.61 7.63
N GLY A 62 21.12 -4.93 7.99
CA GLY A 62 20.51 -4.35 9.17
C GLY A 62 19.99 -2.92 9.16
N LYS A 63 20.19 -2.17 8.07
CA LYS A 63 19.67 -0.80 8.05
C LYS A 63 18.72 -0.61 6.86
N TRP A 64 17.72 0.25 7.05
CA TRP A 64 16.75 0.53 6.00
C TRP A 64 17.22 1.68 5.12
N LYS A 65 17.10 1.48 3.82
CA LYS A 65 17.53 2.45 2.82
C LYS A 65 16.40 2.88 1.87
N ASN A 66 16.34 4.18 1.58
CA ASN A 66 15.36 4.72 0.65
C ASN A 66 16.11 4.96 -0.64
N VAL A 67 15.66 4.35 -1.73
CA VAL A 67 16.33 4.43 -3.03
C VAL A 67 15.52 5.07 -4.14
N HIS A 68 16.19 5.85 -4.98
CA HIS A 68 15.57 6.49 -6.12
C HIS A 68 16.31 6.05 -7.38
N VAL A 69 15.58 5.47 -8.33
CA VAL A 69 16.13 4.97 -9.60
C VAL A 69 15.36 5.54 -10.79
N LYS A 70 16.07 6.08 -11.78
CA LYS A 70 15.44 6.63 -12.97
C LYS A 70 15.74 5.73 -14.15
N ALA A 71 14.71 5.34 -14.88
CA ALA A 71 14.83 4.48 -16.03
C ALA A 71 14.46 5.25 -17.30
N THR A 72 15.01 4.82 -18.43
CA THR A 72 14.76 5.50 -19.70
C THR A 72 14.30 4.51 -20.76
N LYS A 73 13.24 4.86 -21.46
CA LYS A 73 12.69 4.01 -22.50
C LYS A 73 13.64 3.93 -23.70
N GLN A 74 13.50 2.85 -24.47
CA GLN A 74 14.32 2.64 -25.66
C GLN A 74 13.37 2.40 -26.82
N ASP A 75 13.89 2.49 -28.04
CA ASP A 75 13.10 2.29 -29.25
C ASP A 75 12.43 0.94 -29.04
N ASP A 76 13.24 0.05 -28.49
CA ASP A 76 12.85 -1.31 -28.15
C ASP A 76 11.50 -1.33 -27.45
N GLY A 77 11.27 -0.35 -26.58
CA GLY A 77 10.04 -0.30 -25.82
C GLY A 77 10.35 -0.66 -24.37
N THR A 78 11.55 -1.18 -24.16
CA THR A 78 12.01 -1.57 -22.85
C THR A 78 12.66 -0.36 -22.19
N TYR A 79 12.96 -0.47 -20.91
CA TYR A 79 13.60 0.62 -20.17
C TYR A 79 14.87 0.05 -19.62
N VAL A 80 15.88 0.87 -19.43
CA VAL A 80 17.15 0.41 -18.85
C VAL A 80 17.44 1.29 -17.66
N ALA A 81 18.12 0.72 -16.67
CA ALA A 81 18.46 1.45 -15.46
C ALA A 81 19.62 0.79 -14.75
N ASP A 82 20.35 1.58 -13.98
CA ASP A 82 21.48 1.07 -13.22
C ASP A 82 21.08 0.97 -11.76
N TYR A 83 21.24 -0.24 -11.24
CA TYR A 83 20.94 -0.55 -9.86
C TYR A 83 21.52 -1.97 -9.68
N GLU A 84 22.55 -2.08 -8.84
CA GLU A 84 23.22 -3.35 -8.57
C GLU A 84 23.51 -4.06 -9.90
N GLY A 85 24.01 -3.27 -10.84
CA GLY A 85 24.32 -3.76 -12.18
C GLY A 85 23.53 -3.04 -13.25
N GLN A 86 23.43 -3.63 -14.42
CA GLN A 86 22.66 -3.04 -15.50
C GLN A 86 21.36 -3.82 -15.60
N ASN A 87 20.27 -3.09 -15.84
CA ASN A 87 18.96 -3.72 -15.93
C ASN A 87 18.20 -3.34 -17.20
N VAL A 88 17.45 -4.30 -17.74
CA VAL A 88 16.57 -4.10 -18.89
C VAL A 88 15.19 -4.55 -18.34
N PHE A 89 14.27 -3.60 -18.28
CA PHE A 89 12.92 -3.77 -17.70
C PHE A 89 11.83 -3.76 -18.80
N LYS A 90 10.91 -4.70 -18.71
CA LYS A 90 9.84 -4.79 -19.68
C LYS A 90 8.50 -4.88 -18.99
N ILE A 91 7.59 -3.98 -19.34
CA ILE A 91 6.24 -4.02 -18.77
C ILE A 91 5.43 -5.00 -19.63
N VAL A 92 4.98 -6.07 -19.04
CA VAL A 92 4.24 -7.08 -19.78
C VAL A 92 2.73 -6.88 -19.74
N SER A 93 2.22 -6.32 -18.65
CA SER A 93 0.78 -6.11 -18.53
C SER A 93 0.61 -4.89 -17.63
N LEU A 94 -0.24 -3.95 -18.04
CA LEU A 94 -0.46 -2.75 -17.23
C LEU A 94 -1.90 -2.28 -17.32
N SER A 95 -2.37 -1.63 -16.26
CA SER A 95 -3.72 -1.09 -16.21
C SER A 95 -3.72 -0.07 -15.09
N ARG A 96 -4.83 0.61 -14.90
CA ARG A 96 -4.93 1.63 -13.85
C ARG A 96 -4.59 1.12 -12.45
N THR A 97 -4.69 -0.18 -12.23
CA THR A 97 -4.43 -0.73 -10.92
C THR A 97 -3.23 -1.66 -10.79
N HIS A 98 -2.81 -2.27 -11.88
CA HIS A 98 -1.71 -3.24 -11.82
C HIS A 98 -0.64 -3.09 -12.87
N LEU A 99 0.53 -3.64 -12.53
CA LEU A 99 1.69 -3.69 -13.39
C LEU A 99 2.34 -5.05 -13.19
N VAL A 100 2.56 -5.78 -14.28
CA VAL A 100 3.25 -7.06 -14.24
C VAL A 100 4.52 -6.80 -15.07
N ALA A 101 5.69 -7.02 -14.51
CA ALA A 101 6.92 -6.73 -15.22
C ALA A 101 7.96 -7.85 -15.19
N HIS A 102 8.89 -7.79 -16.13
CA HIS A 102 9.96 -8.75 -16.26
C HIS A 102 11.27 -7.94 -16.29
N ASN A 103 12.22 -8.25 -15.43
CA ASN A 103 13.49 -7.53 -15.39
C ASN A 103 14.71 -8.47 -15.53
N ILE A 104 15.70 -8.07 -16.30
CA ILE A 104 16.93 -8.86 -16.45
C ILE A 104 18.04 -8.05 -15.85
N ASN A 105 18.75 -8.62 -14.88
CA ASN A 105 19.85 -7.92 -14.24
C ASN A 105 21.17 -8.64 -14.50
N VAL A 106 22.22 -7.86 -14.68
CA VAL A 106 23.55 -8.42 -14.88
C VAL A 106 24.42 -7.72 -13.85
N ASP A 107 24.89 -8.46 -12.86
CA ASP A 107 25.69 -7.83 -11.83
C ASP A 107 27.16 -7.59 -12.23
N LYS A 108 27.96 -7.12 -11.28
CA LYS A 108 29.37 -6.82 -11.50
C LYS A 108 30.23 -8.01 -11.90
N HIS A 109 29.76 -9.22 -11.64
CA HIS A 109 30.51 -10.41 -11.97
C HIS A 109 29.94 -11.06 -13.21
N GLY A 110 29.15 -10.31 -13.96
CA GLY A 110 28.57 -10.83 -15.18
C GLY A 110 27.44 -11.82 -15.02
N GLN A 111 27.00 -12.07 -13.78
CA GLN A 111 25.91 -13.02 -13.52
C GLN A 111 24.56 -12.43 -13.94
N THR A 112 23.79 -13.20 -14.70
CA THR A 112 22.48 -12.79 -15.18
C THR A 112 21.34 -13.35 -14.33
N THR A 113 20.45 -12.47 -13.85
CA THR A 113 19.29 -12.89 -13.05
C THR A 113 18.00 -12.38 -13.69
N GLU A 114 17.02 -13.27 -13.88
CA GLU A 114 15.72 -12.86 -14.44
C GLU A 114 14.71 -12.81 -13.31
N LEU A 115 14.00 -11.69 -13.20
CA LEU A 115 13.01 -11.50 -12.13
C LEU A 115 11.67 -11.11 -12.72
N THR A 116 10.60 -11.50 -12.04
CA THR A 116 9.23 -11.18 -12.44
C THR A 116 8.59 -10.50 -11.23
N GLY A 117 7.58 -9.67 -11.47
CA GLY A 117 6.95 -8.93 -10.38
C GLY A 117 5.54 -8.47 -10.66
N LEU A 118 4.77 -8.36 -9.58
CA LEU A 118 3.40 -7.89 -9.64
C LEU A 118 3.34 -6.73 -8.66
N PHE A 119 2.87 -5.58 -9.12
CA PHE A 119 2.76 -4.38 -8.27
C PHE A 119 1.32 -3.87 -8.41
N VAL A 120 0.78 -3.26 -7.34
CA VAL A 120 -0.60 -2.75 -7.39
C VAL A 120 -0.62 -1.28 -7.00
N LYS A 121 -1.53 -0.51 -7.60
CA LYS A 121 -1.60 0.91 -7.30
C LYS A 121 -2.57 1.25 -6.20
N LEU A 122 -2.21 2.24 -5.40
CA LEU A 122 -3.08 2.71 -4.33
C LEU A 122 -3.72 3.94 -4.91
N ASN A 123 -4.92 3.79 -5.46
CA ASN A 123 -5.59 4.93 -6.09
C ASN A 123 -6.54 5.68 -5.15
N VAL A 124 -6.31 6.97 -5.02
CA VAL A 124 -7.15 7.80 -4.17
C VAL A 124 -8.03 8.68 -5.06
N GLU A 125 -9.33 8.41 -5.05
CA GLU A 125 -10.31 9.13 -5.86
C GLU A 125 -10.65 10.51 -5.32
N ASP A 126 -11.00 11.42 -6.23
CA ASP A 126 -11.37 12.78 -5.85
C ASP A 126 -12.69 12.83 -5.08
N GLU A 127 -13.67 12.04 -5.51
CA GLU A 127 -14.96 12.02 -4.81
C GLU A 127 -14.77 11.69 -3.34
N ASP A 128 -13.94 10.70 -3.04
CA ASP A 128 -13.71 10.29 -1.66
C ASP A 128 -12.89 11.31 -0.90
N LEU A 129 -11.96 11.97 -1.58
CA LEU A 129 -11.14 13.01 -0.93
C LEU A 129 -11.99 14.22 -0.53
N GLU A 130 -12.99 14.54 -1.35
CA GLU A 130 -13.86 15.68 -1.08
C GLU A 130 -14.74 15.35 0.11
N LYS A 131 -15.24 14.13 0.15
CA LYS A 131 -16.08 13.68 1.24
C LYS A 131 -15.33 13.76 2.59
N PHE A 132 -14.05 13.39 2.59
CA PHE A 132 -13.23 13.44 3.80
C PHE A 132 -12.98 14.88 4.25
N TRP A 133 -12.64 15.77 3.30
CA TRP A 133 -12.39 17.18 3.65
C TRP A 133 -13.64 17.89 4.13
N LYS A 134 -14.81 17.59 3.56
CA LYS A 134 -16.06 18.21 4.01
C LYS A 134 -16.32 17.74 5.45
N LEU A 135 -16.24 16.44 5.68
CA LEU A 135 -16.45 15.88 7.02
C LEU A 135 -15.49 16.49 8.02
N THR A 136 -14.25 16.63 7.61
CA THR A 136 -13.21 17.19 8.48
C THR A 136 -13.54 18.64 8.89
N GLU A 137 -14.11 19.38 7.94
CA GLU A 137 -14.49 20.78 8.13
C GLU A 137 -15.72 20.79 9.05
N ASP A 138 -16.66 19.88 8.82
CA ASP A 138 -17.86 19.77 9.63
C ASP A 138 -17.55 19.62 11.13
N LYS A 139 -16.50 18.86 11.46
CA LYS A 139 -16.10 18.60 12.86
C LYS A 139 -15.15 19.66 13.38
N GLY A 140 -14.97 20.73 12.62
CA GLY A 140 -14.11 21.83 13.03
C GLY A 140 -12.65 21.50 13.19
N ILE A 141 -12.14 20.58 12.38
CA ILE A 141 -10.73 20.23 12.51
C ILE A 141 -9.90 21.09 11.56
N ASP A 142 -8.82 21.66 12.09
CA ASP A 142 -7.91 22.50 11.33
C ASP A 142 -7.02 21.63 10.41
N LYS A 143 -6.80 22.05 9.16
CA LYS A 143 -5.94 21.30 8.23
C LYS A 143 -4.56 21.01 8.82
N LYS A 144 -4.09 21.87 9.71
CA LYS A 144 -2.81 21.71 10.36
C LYS A 144 -2.85 20.48 11.26
N ASN A 145 -4.04 20.05 11.61
CA ASN A 145 -4.22 18.89 12.46
C ASN A 145 -4.54 17.59 11.72
N VAL A 146 -4.16 17.50 10.44
CA VAL A 146 -4.34 16.25 9.71
C VAL A 146 -2.96 15.71 9.30
N VAL A 147 -2.77 14.40 9.49
CA VAL A 147 -1.53 13.73 9.16
C VAL A 147 -1.68 12.89 7.90
N ASN A 148 -0.69 13.01 7.00
CA ASN A 148 -0.66 12.25 5.73
C ASN A 148 0.10 10.97 6.03
N PHE A 149 -0.54 9.84 5.83
CA PHE A 149 0.13 8.57 6.09
C PHE A 149 0.74 7.93 4.85
N LEU A 150 0.43 8.47 3.68
CA LEU A 150 0.94 7.90 2.45
C LEU A 150 2.38 8.34 2.17
N GLU A 151 2.70 9.59 2.46
CA GLU A 151 4.07 10.08 2.26
C GLU A 151 4.59 10.59 3.59
N ASN A 152 4.99 9.65 4.44
CA ASN A 152 5.50 9.97 5.77
C ASN A 152 6.65 9.05 6.13
N GLU A 153 7.79 9.65 6.47
CA GLU A 153 8.99 8.90 6.82
C GLU A 153 8.93 8.04 8.09
N ASP A 154 8.06 8.40 9.01
CA ASP A 154 7.93 7.65 10.26
C ASP A 154 6.88 6.55 10.08
N HIS A 155 7.30 5.43 9.47
CA HIS A 155 6.42 4.29 9.22
C HIS A 155 6.99 2.96 9.75
N PRO A 156 6.16 1.89 9.82
CA PRO A 156 6.58 0.57 10.29
C PRO A 156 7.45 -0.17 9.26
N HIS A 157 8.15 -1.18 9.74
CA HIS A 157 9.02 -1.99 8.89
C HIS A 157 8.40 -3.35 8.63
N PRO A 158 8.42 -3.77 7.35
CA PRO A 158 7.85 -5.08 7.00
C PRO A 158 8.73 -6.23 7.49
N GLU A 159 9.96 -5.91 7.89
CA GLU A 159 10.92 -6.91 8.35
C GLU A 159 12.12 -6.22 8.99
N GLU B 3 -15.77 -10.48 -19.55
CA GLU B 3 -16.10 -9.40 -18.57
C GLU B 3 -16.97 -9.94 -17.44
N GLU B 4 -16.41 -10.04 -16.24
CA GLU B 4 -17.15 -10.51 -15.08
C GLU B 4 -16.66 -9.86 -13.80
N GLU B 5 -17.52 -9.80 -12.80
CA GLU B 5 -17.12 -9.20 -11.54
C GLU B 5 -17.70 -9.97 -10.38
N ALA B 6 -16.87 -10.16 -9.37
CA ALA B 6 -17.28 -10.88 -8.20
C ALA B 6 -18.54 -10.25 -7.63
N GLU B 7 -19.37 -11.12 -7.08
CA GLU B 7 -20.60 -10.70 -6.45
C GLU B 7 -20.20 -9.82 -5.25
N GLN B 8 -20.95 -8.75 -5.01
CA GLN B 8 -20.65 -7.85 -3.91
C GLN B 8 -21.20 -8.42 -2.62
N ASN B 9 -20.33 -8.60 -1.64
CA ASN B 9 -20.72 -9.12 -0.33
C ASN B 9 -19.88 -8.24 0.61
N LEU B 10 -20.41 -7.90 1.79
CA LEU B 10 -19.66 -7.07 2.73
C LEU B 10 -18.31 -7.73 3.08
N SER B 11 -18.34 -9.06 3.13
CA SER B 11 -17.15 -9.85 3.44
C SER B 11 -16.09 -9.76 2.33
N GLU B 12 -16.49 -9.33 1.14
CA GLU B 12 -15.57 -9.19 0.01
C GLU B 12 -14.72 -7.91 0.16
N LEU B 13 -15.09 -7.07 1.13
CA LEU B 13 -14.36 -5.83 1.41
C LEU B 13 -13.22 -6.13 2.37
N SER B 14 -13.27 -7.30 3.02
CA SER B 14 -12.21 -7.71 3.93
C SER B 14 -10.88 -7.83 3.17
N GLY B 15 -9.76 -7.54 3.83
CA GLY B 15 -8.49 -7.65 3.14
C GLY B 15 -7.55 -6.54 3.58
N PRO B 16 -6.45 -6.31 2.87
CA PRO B 16 -5.47 -5.26 3.21
C PRO B 16 -6.04 -3.86 2.95
N TRP B 17 -5.87 -2.96 3.90
CA TRP B 17 -6.36 -1.57 3.83
C TRP B 17 -5.24 -0.70 4.35
N ARG B 18 -5.19 0.55 3.90
CA ARG B 18 -4.11 1.46 4.31
C ARG B 18 -4.67 2.83 4.70
N THR B 19 -4.02 3.52 5.63
CA THR B 19 -4.45 4.85 6.08
C THR B 19 -3.91 5.89 5.12
N VAL B 20 -4.78 6.81 4.70
CA VAL B 20 -4.36 7.90 3.82
C VAL B 20 -4.21 9.14 4.70
N TYR B 21 -5.31 9.57 5.34
CA TYR B 21 -5.28 10.73 6.24
C TYR B 21 -6.07 10.44 7.52
N ILE B 22 -5.64 11.08 8.61
CA ILE B 22 -6.36 11.03 9.90
C ILE B 22 -6.29 12.46 10.45
N GLY B 23 -7.44 13.04 10.79
CA GLY B 23 -7.45 14.39 11.38
C GLY B 23 -7.94 14.29 12.83
N SER B 24 -7.61 15.24 13.71
CA SER B 24 -8.04 15.19 15.12
C SER B 24 -8.32 16.55 15.74
N THR B 25 -9.34 16.64 16.58
CA THR B 25 -9.64 17.90 17.27
C THR B 25 -8.56 18.15 18.34
N ASN B 26 -7.86 17.07 18.74
CA ASN B 26 -6.79 17.17 19.73
C ASN B 26 -5.53 16.66 19.03
N PRO B 27 -4.67 17.59 18.61
CA PRO B 27 -3.43 17.24 17.91
C PRO B 27 -2.52 16.26 18.67
N GLU B 28 -2.52 16.31 19.99
CA GLU B 28 -1.68 15.41 20.77
C GLU B 28 -1.97 13.92 20.49
N LYS B 29 -3.21 13.62 20.14
CA LYS B 29 -3.58 12.24 19.89
C LYS B 29 -2.95 11.60 18.65
N ILE B 30 -2.58 12.44 17.67
CA ILE B 30 -2.01 11.94 16.41
C ILE B 30 -0.57 12.34 16.16
N GLN B 31 0.06 12.89 17.19
CA GLN B 31 1.45 13.28 17.12
C GLN B 31 2.28 12.03 17.29
N GLU B 32 3.58 12.16 17.08
CA GLU B 32 4.50 11.03 17.24
C GLU B 32 4.31 10.49 18.64
N ASN B 33 4.02 9.19 18.73
CA ASN B 33 3.77 8.49 19.99
C ASN B 33 2.35 8.73 20.51
N GLY B 34 1.49 9.26 19.63
CA GLY B 34 0.11 9.52 19.98
C GLY B 34 -0.59 8.20 19.69
N PRO B 35 -1.62 7.80 20.48
CA PRO B 35 -2.30 6.54 20.23
C PRO B 35 -3.16 6.42 18.98
N PHE B 36 -3.44 7.53 18.31
CA PHE B 36 -4.26 7.45 17.11
C PHE B 36 -3.48 7.69 15.81
N ARG B 37 -2.16 7.61 15.86
CA ARG B 37 -1.37 7.75 14.65
C ARG B 37 -1.19 6.30 14.16
N THR B 38 -2.31 5.73 13.75
CA THR B 38 -2.41 4.33 13.33
C THR B 38 -2.25 4.01 11.84
N TYR B 39 -1.31 3.12 11.54
CA TYR B 39 -1.10 2.67 10.17
C TYR B 39 -1.92 1.38 10.02
N PHE B 40 -2.99 1.39 9.22
CA PHE B 40 -3.79 0.19 9.03
C PHE B 40 -3.07 -0.94 8.25
N ARG B 41 -3.41 -2.19 8.60
CA ARG B 41 -2.85 -3.39 7.94
C ARG B 41 -3.97 -4.14 7.20
N GLU B 42 -5.01 -4.56 7.93
CA GLU B 42 -6.14 -5.30 7.37
C GLU B 42 -7.41 -5.03 8.15
N LEU B 43 -8.55 -5.29 7.53
CA LEU B 43 -9.86 -5.16 8.14
C LEU B 43 -10.62 -6.41 7.75
N VAL B 44 -11.42 -6.94 8.66
CA VAL B 44 -12.22 -8.13 8.37
C VAL B 44 -13.65 -7.78 8.74
N PHE B 45 -14.56 -7.80 7.78
CA PHE B 45 -15.95 -7.48 8.04
C PHE B 45 -16.70 -8.79 8.17
N ASP B 46 -17.59 -8.87 9.16
CA ASP B 46 -18.39 -10.06 9.38
C ASP B 46 -19.86 -9.65 9.52
N ASP B 47 -20.63 -9.92 8.47
CA ASP B 47 -22.08 -9.60 8.39
C ASP B 47 -22.92 -10.37 9.41
N GLU B 48 -22.60 -11.65 9.59
CA GLU B 48 -23.31 -12.53 10.50
C GLU B 48 -23.20 -12.17 11.99
N LYS B 49 -21.98 -11.84 12.43
CA LYS B 49 -21.73 -11.45 13.82
C LYS B 49 -21.87 -9.94 14.02
N GLY B 50 -21.83 -9.18 12.92
CA GLY B 50 -21.94 -7.73 12.98
C GLY B 50 -20.73 -7.12 13.67
N THR B 51 -19.53 -7.51 13.24
CA THR B 51 -18.30 -7.00 13.82
C THR B 51 -17.32 -6.61 12.74
N VAL B 52 -16.35 -5.78 13.13
CA VAL B 52 -15.26 -5.40 12.24
C VAL B 52 -13.99 -5.59 13.07
N ASP B 53 -13.01 -6.32 12.56
CA ASP B 53 -11.76 -6.50 13.26
C ASP B 53 -10.75 -5.61 12.59
N PHE B 54 -10.04 -4.82 13.39
CA PHE B 54 -9.01 -3.87 12.93
C PHE B 54 -7.63 -4.38 13.29
N TYR B 55 -6.72 -4.35 12.32
CA TYR B 55 -5.32 -4.71 12.55
C TYR B 55 -4.53 -3.49 12.13
N PHE B 56 -3.74 -2.93 13.05
CA PHE B 56 -2.93 -1.76 12.75
C PHE B 56 -1.66 -1.74 13.60
N SER B 57 -0.80 -0.76 13.33
CA SER B 57 0.46 -0.57 14.03
C SER B 57 0.55 0.87 14.48
N VAL B 58 1.19 1.09 15.63
CA VAL B 58 1.33 2.43 16.18
C VAL B 58 2.59 2.45 17.01
N LYS B 59 3.25 3.59 17.08
CA LYS B 59 4.49 3.70 17.84
C LYS B 59 4.18 4.21 19.26
N ARG B 60 4.83 3.58 20.23
CA ARG B 60 4.67 3.91 21.65
C ARG B 60 6.03 3.70 22.31
N ASP B 61 6.50 4.72 23.03
CA ASP B 61 7.81 4.63 23.69
C ASP B 61 8.86 4.37 22.62
N GLY B 62 8.70 5.05 21.49
CA GLY B 62 9.65 4.89 20.38
C GLY B 62 9.70 3.50 19.75
N LYS B 63 8.68 2.67 19.98
CA LYS B 63 8.67 1.34 19.41
C LYS B 63 7.36 1.02 18.72
N TRP B 64 7.44 0.36 17.57
CA TRP B 64 6.23 -0.01 16.84
C TRP B 64 5.56 -1.22 17.47
N LYS B 65 4.24 -1.11 17.65
CA LYS B 65 3.41 -2.16 18.24
C LYS B 65 2.31 -2.63 17.27
N ASN B 66 2.05 -3.94 17.23
CA ASN B 66 0.98 -4.46 16.40
C ASN B 66 -0.21 -4.57 17.34
N VAL B 67 -1.36 -4.02 16.94
CA VAL B 67 -2.57 -4.00 17.76
C VAL B 67 -3.81 -4.49 17.01
N HIS B 68 -4.65 -5.24 17.70
CA HIS B 68 -5.89 -5.76 17.15
C HIS B 68 -7.04 -5.22 17.99
N VAL B 69 -8.11 -4.75 17.34
CA VAL B 69 -9.29 -4.24 18.06
C VAL B 69 -10.53 -4.74 17.36
N LYS B 70 -11.48 -5.25 18.12
CA LYS B 70 -12.72 -5.75 17.56
C LYS B 70 -13.82 -4.74 17.90
N ALA B 71 -14.60 -4.34 16.91
CA ALA B 71 -15.70 -3.40 17.11
C ALA B 71 -17.03 -4.14 16.90
N THR B 72 -18.08 -3.72 17.62
CA THR B 72 -19.40 -4.34 17.53
C THR B 72 -20.48 -3.35 17.05
N LYS B 73 -21.28 -3.76 16.10
CA LYS B 73 -22.32 -2.91 15.50
C LYS B 73 -23.51 -2.69 16.45
N GLN B 74 -24.05 -1.47 16.44
CA GLN B 74 -25.19 -1.12 17.30
C GLN B 74 -26.41 -1.05 16.42
N ASP B 75 -27.59 -1.10 17.01
CA ASP B 75 -28.83 -1.02 16.24
C ASP B 75 -28.89 0.26 15.41
N ASP B 76 -28.22 1.30 15.87
CA ASP B 76 -28.22 2.54 15.10
C ASP B 76 -27.21 2.47 13.96
N GLY B 77 -26.64 1.29 13.74
CA GLY B 77 -25.67 1.09 12.66
C GLY B 77 -24.24 1.51 12.95
N THR B 78 -23.99 2.20 14.07
CA THR B 78 -22.63 2.63 14.40
C THR B 78 -21.91 1.47 15.09
N TYR B 79 -20.62 1.63 15.41
CA TYR B 79 -19.81 0.58 16.06
C TYR B 79 -19.13 1.05 17.36
N VAL B 80 -19.02 0.16 18.34
CA VAL B 80 -18.37 0.55 19.59
C VAL B 80 -17.11 -0.30 19.75
N ALA B 81 -16.04 0.29 20.28
CA ALA B 81 -14.79 -0.41 20.46
C ALA B 81 -14.03 0.16 21.64
N ASP B 82 -13.28 -0.69 22.32
CA ASP B 82 -12.48 -0.25 23.44
C ASP B 82 -11.03 -0.15 23.01
N TYR B 83 -10.46 1.04 23.12
CA TYR B 83 -9.08 1.30 22.73
C TYR B 83 -8.77 2.71 23.24
N GLU B 84 -7.84 2.79 24.19
CA GLU B 84 -7.44 4.04 24.81
C GLU B 84 -8.69 4.85 25.23
N GLY B 85 -9.62 4.17 25.89
CA GLY B 85 -10.87 4.79 26.31
C GLY B 85 -12.01 4.12 25.54
N GLN B 86 -13.19 4.73 25.56
CA GLN B 86 -14.32 4.18 24.82
C GLN B 86 -14.38 4.95 23.50
N ASN B 87 -14.89 4.30 22.45
CA ASN B 87 -15.00 4.87 21.09
C ASN B 87 -16.29 4.52 20.39
N VAL B 88 -16.87 5.48 19.66
CA VAL B 88 -18.05 5.21 18.84
C VAL B 88 -17.56 5.59 17.43
N PHE B 89 -17.57 4.61 16.53
CA PHE B 89 -17.05 4.68 15.16
C PHE B 89 -18.23 4.71 14.19
N LYS B 90 -18.24 5.69 13.29
CA LYS B 90 -19.31 5.83 12.32
C LYS B 90 -18.79 5.85 10.87
N ILE B 91 -19.29 4.96 10.03
CA ILE B 91 -18.86 4.89 8.64
C ILE B 91 -19.69 5.90 7.84
N VAL B 92 -19.02 6.91 7.30
CA VAL B 92 -19.69 7.95 6.54
C VAL B 92 -19.87 7.63 5.04
N SER B 93 -18.91 6.89 4.47
CA SER B 93 -18.95 6.46 3.08
C SER B 93 -18.07 5.21 2.95
N LEU B 94 -18.53 4.25 2.17
CA LEU B 94 -17.81 3.00 1.98
C LEU B 94 -18.11 2.42 0.61
N SER B 95 -17.12 1.79 0.00
CA SER B 95 -17.26 1.16 -1.31
C SER B 95 -16.17 0.11 -1.38
N ARG B 96 -16.05 -0.56 -2.52
CA ARG B 96 -15.04 -1.58 -2.71
C ARG B 96 -13.63 -1.02 -2.56
N THR B 97 -13.50 0.29 -2.63
CA THR B 97 -12.17 0.85 -2.53
C THR B 97 -11.85 1.88 -1.45
N HIS B 98 -12.84 2.50 -0.83
CA HIS B 98 -12.53 3.51 0.19
C HIS B 98 -13.41 3.39 1.42
N LEU B 99 -12.97 4.05 2.48
CA LEU B 99 -13.70 4.11 3.75
C LEU B 99 -13.43 5.46 4.35
N VAL B 100 -14.49 6.20 4.60
CA VAL B 100 -14.37 7.51 5.25
C VAL B 100 -15.12 7.31 6.56
N ALA B 101 -14.51 7.67 7.69
CA ALA B 101 -15.15 7.46 8.98
C ALA B 101 -14.95 8.61 9.95
N HIS B 102 -15.82 8.66 10.96
CA HIS B 102 -15.79 9.66 12.03
C HIS B 102 -15.75 8.86 13.35
N ASN B 103 -14.80 9.14 14.23
CA ASN B 103 -14.68 8.39 15.49
C ASN B 103 -14.73 9.35 16.69
N ILE B 104 -15.52 9.03 17.69
CA ILE B 104 -15.56 9.85 18.90
C ILE B 104 -14.85 9.02 19.98
N ASN B 105 -13.85 9.59 20.63
CA ASN B 105 -13.08 8.94 21.70
C ASN B 105 -13.18 9.71 23.04
N VAL B 106 -13.39 8.99 24.14
CA VAL B 106 -13.43 9.61 25.46
C VAL B 106 -12.35 8.81 26.20
N ASP B 107 -11.29 9.48 26.63
CA ASP B 107 -10.22 8.77 27.31
C ASP B 107 -10.46 8.47 28.78
N LYS B 108 -9.45 7.87 29.40
CA LYS B 108 -9.49 7.48 30.80
C LYS B 108 -9.54 8.65 31.79
N HIS B 109 -9.72 9.85 31.29
CA HIS B 109 -9.80 11.02 32.16
C HIS B 109 -11.05 11.82 31.84
N GLY B 110 -11.88 11.27 30.94
CA GLY B 110 -13.10 11.95 30.56
C GLY B 110 -12.96 13.00 29.46
N GLN B 111 -11.79 13.07 28.86
CA GLN B 111 -11.52 14.02 27.76
C GLN B 111 -11.98 13.44 26.41
N THR B 112 -12.75 14.23 25.65
CA THR B 112 -13.30 13.83 24.34
C THR B 112 -12.53 14.39 23.13
N THR B 113 -12.33 13.52 22.14
CA THR B 113 -11.60 13.85 20.92
C THR B 113 -12.41 13.28 19.77
N GLU B 114 -12.58 14.06 18.70
CA GLU B 114 -13.30 13.59 17.53
C GLU B 114 -12.25 13.48 16.41
N LEU B 115 -12.31 12.37 15.68
CA LEU B 115 -11.34 12.09 14.64
C LEU B 115 -12.02 11.74 13.34
N THR B 116 -11.34 12.04 12.23
CA THR B 116 -11.85 11.72 10.89
C THR B 116 -10.71 10.98 10.19
N GLY B 117 -11.05 10.05 9.30
CA GLY B 117 -10.04 9.28 8.62
C GLY B 117 -10.45 8.80 7.24
N LEU B 118 -9.48 8.70 6.35
CA LEU B 118 -9.72 8.20 4.99
C LEU B 118 -8.76 7.01 4.83
N PHE B 119 -9.31 5.86 4.45
CA PHE B 119 -8.53 4.63 4.26
C PHE B 119 -8.85 4.09 2.88
N VAL B 120 -7.92 3.35 2.28
CA VAL B 120 -8.14 2.80 0.93
C VAL B 120 -7.80 1.31 0.93
N LYS B 121 -8.49 0.54 0.10
CA LYS B 121 -8.21 -0.90 0.00
C LYS B 121 -7.20 -1.24 -1.08
N LEU B 122 -6.32 -2.21 -0.80
CA LEU B 122 -5.34 -2.69 -1.79
C LEU B 122 -6.01 -3.87 -2.47
N ASN B 123 -6.39 -3.68 -3.73
CA ASN B 123 -7.10 -4.67 -4.51
C ASN B 123 -6.27 -5.50 -5.46
N VAL B 124 -6.26 -6.82 -5.26
CA VAL B 124 -5.51 -7.71 -6.16
C VAL B 124 -6.49 -8.60 -6.91
N GLU B 125 -6.60 -8.36 -8.21
CA GLU B 125 -7.51 -9.11 -9.07
C GLU B 125 -6.96 -10.46 -9.53
N ASP B 126 -7.88 -11.41 -9.76
CA ASP B 126 -7.56 -12.78 -10.20
C ASP B 126 -6.80 -12.89 -11.51
N GLU B 127 -7.24 -12.15 -12.54
CA GLU B 127 -6.57 -12.21 -13.84
C GLU B 127 -5.15 -11.66 -13.81
N ASP B 128 -4.89 -10.69 -12.92
CA ASP B 128 -3.57 -10.11 -12.79
C ASP B 128 -2.67 -11.11 -12.10
N LEU B 129 -3.20 -11.80 -11.12
CA LEU B 129 -2.41 -12.83 -10.45
C LEU B 129 -2.07 -13.91 -11.46
N GLU B 130 -3.03 -14.27 -12.30
CA GLU B 130 -2.78 -15.30 -13.31
C GLU B 130 -1.71 -14.91 -14.32
N LYS B 131 -1.71 -13.64 -14.72
CA LYS B 131 -0.71 -13.13 -15.66
C LYS B 131 0.66 -13.21 -15.02
N PHE B 132 0.77 -12.82 -13.75
CA PHE B 132 2.05 -12.91 -13.05
C PHE B 132 2.53 -14.36 -12.96
N TRP B 133 1.65 -15.29 -12.58
CA TRP B 133 2.07 -16.69 -12.47
C TRP B 133 2.45 -17.32 -13.83
N LYS B 134 1.71 -17.05 -14.90
CA LYS B 134 2.05 -17.58 -16.22
C LYS B 134 3.42 -17.04 -16.64
N LEU B 135 3.64 -15.76 -16.43
CA LEU B 135 4.92 -15.14 -16.76
C LEU B 135 6.04 -15.79 -15.97
N THR B 136 5.81 -16.02 -14.68
CA THR B 136 6.81 -16.63 -13.82
C THR B 136 7.20 -18.07 -14.25
N GLU B 137 6.23 -18.86 -14.69
CA GLU B 137 6.58 -20.20 -15.15
C GLU B 137 7.25 -20.16 -16.52
N ASP B 138 6.88 -19.18 -17.35
CA ASP B 138 7.48 -18.99 -18.68
C ASP B 138 8.99 -18.79 -18.54
N LYS B 139 9.40 -18.09 -17.49
CA LYS B 139 10.81 -17.84 -17.28
C LYS B 139 11.50 -18.94 -16.49
N GLY B 140 10.78 -20.00 -16.19
CA GLY B 140 11.34 -21.13 -15.45
C GLY B 140 11.72 -20.84 -14.01
N ILE B 141 10.94 -19.98 -13.37
CA ILE B 141 11.19 -19.62 -11.99
C ILE B 141 10.38 -20.57 -11.12
N ASP B 142 11.05 -21.15 -10.14
CA ASP B 142 10.40 -22.07 -9.21
C ASP B 142 9.52 -21.26 -8.24
N LYS B 143 8.35 -21.81 -7.92
CA LYS B 143 7.40 -21.17 -6.99
C LYS B 143 7.95 -20.91 -5.61
N LYS B 144 8.90 -21.71 -5.16
CA LYS B 144 9.48 -21.47 -3.86
C LYS B 144 10.49 -20.32 -3.95
N ASN B 145 10.73 -19.86 -5.16
CA ASN B 145 11.66 -18.76 -5.40
C ASN B 145 10.95 -17.40 -5.59
N VAL B 146 9.81 -17.23 -4.91
CA VAL B 146 9.07 -15.98 -5.01
C VAL B 146 8.64 -15.53 -3.61
N VAL B 147 8.79 -14.24 -3.35
CA VAL B 147 8.46 -13.65 -2.06
C VAL B 147 7.13 -12.86 -2.10
N ASN B 148 6.27 -13.05 -1.10
CA ASN B 148 5.00 -12.34 -1.00
C ASN B 148 5.29 -11.09 -0.14
N PHE B 149 5.41 -9.94 -0.79
CA PHE B 149 5.72 -8.70 -0.06
C PHE B 149 4.48 -8.15 0.65
N LEU B 150 3.32 -8.36 0.05
CA LEU B 150 2.09 -7.88 0.63
C LEU B 150 1.82 -8.42 2.06
N GLU B 151 2.01 -9.72 2.26
CA GLU B 151 1.79 -10.30 3.59
C GLU B 151 2.84 -9.87 4.59
N ASN B 152 4.03 -9.51 4.14
CA ASN B 152 5.06 -9.08 5.07
C ASN B 152 4.63 -7.72 5.64
N GLU B 153 4.19 -6.83 4.76
CA GLU B 153 3.72 -5.52 5.19
C GLU B 153 2.47 -5.63 6.09
N ASP B 154 1.61 -6.61 5.84
CA ASP B 154 0.39 -6.81 6.64
C ASP B 154 0.66 -7.41 8.01
N HIS B 155 1.89 -7.88 8.22
CA HIS B 155 2.30 -8.51 9.48
C HIS B 155 3.71 -8.03 9.77
N PRO B 156 3.88 -6.73 9.99
CA PRO B 156 5.22 -6.22 10.26
C PRO B 156 5.67 -6.64 11.64
N HIS B 157 6.74 -6.00 12.13
CA HIS B 157 7.21 -6.29 13.47
C HIS B 157 7.97 -5.10 13.99
UNK UNX C . 12.38 -5.88 -9.03
UNK UNX D . 12.30 -4.46 -9.42
UNK UNX E . 12.40 -3.04 -8.91
UNK UNX F . 12.76 -2.09 -9.00
UNK UNX G . 12.98 -4.37 -8.36
UNK UNX H . 12.98 -3.02 -8.72
UNK UNX I . 14.99 -2.17 -9.35
UNK UNX J . 12.62 -8.93 -11.33
UNK UNX K . 14.21 -2.98 -11.61
UNK UNX L . 14.69 -0.05 -13.73
UNK UNX M . 14.05 -2.57 -9.80
UNK UNX N . 13.03 -4.83 -7.87
UNK UNX O . 15.52 -1.66 -10.59
UNK UNX P . 16.06 -0.98 -12.29
UNK UNX Q . 16.08 -1.38 -12.17
UNK UNX R . 14.47 -0.69 -13.64
UNK UNX S . 14.07 -1.86 -12.30
UNK UNX T . 11.18 -7.23 -10.10
UNK UNX U . 10.61 -6.99 -11.40
UNK UNX V . 12.00 -5.96 -9.87
UNK UNX W . 9.94 -8.92 -10.33
UNK UNX X . 10.86 -7.49 -11.37
UNK UNX Y . 11.93 -6.62 -10.21
UNK UNX Z . 10.30 -6.54 -10.90
UNK UNX AA . 10.87 -7.53 -11.38
UNK UNX BA . 10.26 -7.33 -9.89
UNK UNX CA . 11.18 -5.90 -10.52
UNK UNX DA . 12.51 -5.43 -10.02
UNK UNX EA . 14.17 -2.73 -7.81
UNK UNX FA . 13.21 -4.04 -9.85
UNK UNX GA . 15.03 -2.20 -13.38
UNK UNX HA . 12.26 -6.81 -10.58
UNK UNX IA . 10.72 -6.67 -12.09
UNK UNX JA . 14.10 -1.61 -8.71
UNK UNX KA . 13.86 -2.31 -9.97
UNK UNX LA . 13.33 -2.03 -8.96
UNK UNX MA . 15.47 -2.58 -12.30
UNK UNX NA . 14.59 -2.94 -13.17
UNK UNX OA . 15.33 -0.69 -11.43
UNK UNX PA . 14.92 -0.94 -11.21
UNK UNX QA . 12.44 -2.85 -10.62
UNK UNX RA . -10.47 6.75 13.12
UNK UNX SA . -8.14 4.58 14.03
UNK UNX TA . -8.58 3.85 14.36
UNK UNX UA . -9.45 3.48 14.16
UNK UNX VA . -7.53 4.92 13.94
UNK UNX WA . -8.58 4.10 14.79
UNK UNX XA . -11.38 8.49 13.40
UNK UNX YA . -10.73 3.54 16.96
UNK UNX ZA . -13.03 1.14 16.28
UNK UNX AB . -10.00 2.65 14.99
UNK UNX BB . -7.26 5.68 14.82
UNK UNX CB . -10.25 2.16 17.37
UNK UNX DB . -11.53 2.45 17.62
UNK UNX EB . -11.46 2.51 17.51
UNK UNX FB . -12.51 1.76 16.54
UNK UNX GB . -11.45 2.68 15.79
UNK UNX HB . -9.42 7.36 12.49
UNK UNX IB . -11.25 7.50 12.33
UNK UNX JB . -10.59 6.26 13.27
UNK UNX KB . -10.53 8.44 12.10
UNK UNX LB . -11.33 7.84 12.16
UNK UNX MB . -9.63 7.82 13.33
UNK UNX NB . -10.51 6.88 11.84
UNK UNX OB . -11.33 7.82 12.18
UNK UNX PB . -10.33 7.14 11.94
UNK UNX QB . -10.58 6.80 12.51
UNK UNX RB . -9.03 5.92 13.30
UNK UNX SB . -7.69 3.46 15.45
UNK UNX TB . -9.34 4.49 15.34
UNK UNX UB . -12.96 3.05 17.00
UNK UNX VB . -10.04 7.78 13.87
UNK UNX WB . -12.21 7.49 12.83
UNK UNX XB . -8.78 4.23 16.00
UNK UNX YB . -10.18 3.85 15.77
UNK UNX ZB . -8.65 2.12 14.94
UNK UNX AC . -11.29 2.97 17.01
UNK UNX BC . -12.41 2.59 16.85
UNK UNX CC . -11.36 1.10 16.50
UNK UNX DC . -11.12 1.42 16.51
UNK UNX EC . -11.12 4.27 14.60
UNK UNX FC . -11.20 2.50 14.47
#